data_2QIH
#
_entry.id   2QIH
#
_cell.length_a   37.234
_cell.length_b   37.234
_cell.length_c   224.475
_cell.angle_alpha   90.000
_cell.angle_beta   90.000
_cell.angle_gamma   120.000
#
_symmetry.space_group_name_H-M   'P 3'
#
loop_
_entity.id
_entity.type
_entity.pdbx_description
1 polymer 'protein UspA1'
2 non-polymer 'PHOSPHATE ION'
3 non-polymer 'CHLORIDE ION'
4 water water
#
_entity_poly.entity_id   1
_entity_poly.type   'polypeptide(L)'
_entity_poly.pdbx_seq_one_letter_code
;MRGSHHHHHHGSATSANTDRIATAELGIAENKKDAQIAKAQANENKDGIAKNQADIQLHDKKITNLGILHSMVARAVGNN
TQGVATNKADIAKNQADIANNIKNIYELAQQQDQHSSDIKTLAKVSAANTDRIAKNKAEADASFETLTKNQKLCSQA
;
_entity_poly.pdbx_strand_id   A,B
#
# COMPACT_ATOMS: atom_id res chain seq x y z
N ASN A 17 -40.59 19.65 4.05
CA ASN A 17 -40.39 20.56 5.22
C ASN A 17 -39.04 21.27 5.15
N THR A 18 -39.13 22.58 5.00
CA THR A 18 -37.98 23.43 4.70
C THR A 18 -36.93 23.44 5.82
N ASP A 19 -37.39 23.50 7.06
CA ASP A 19 -36.51 23.52 8.22
C ASP A 19 -35.68 22.22 8.31
N ARG A 20 -36.26 21.10 7.89
CA ARG A 20 -35.56 19.82 7.94
C ARG A 20 -34.49 19.74 6.85
N ILE A 21 -34.86 20.16 5.65
CA ILE A 21 -33.92 20.29 4.53
C ILE A 21 -32.74 21.17 4.89
N ALA A 22 -33.01 22.32 5.52
CA ALA A 22 -31.95 23.27 5.88
C ALA A 22 -30.91 22.62 6.79
N THR A 23 -31.39 21.95 7.81
CA THR A 23 -30.54 21.29 8.80
C THR A 23 -29.71 20.19 8.14
N ALA A 24 -30.36 19.49 7.22
CA ALA A 24 -29.74 18.39 6.52
C ALA A 24 -28.58 18.87 5.63
N GLU A 25 -28.75 20.00 4.94
CA GLU A 25 -27.70 20.60 4.09
C GLU A 25 -26.41 20.93 4.83
N LEU A 26 -26.57 21.52 6.02
CA LEU A 26 -25.45 21.79 6.91
C LEU A 26 -24.78 20.50 7.35
N GLY A 27 -25.59 19.47 7.67
CA GLY A 27 -25.00 18.20 8.11
C GLY A 27 -24.14 17.57 7.02
N ILE A 28 -24.62 17.63 5.79
CA ILE A 28 -23.95 17.03 4.64
C ILE A 28 -22.64 17.77 4.36
N ALA A 29 -22.66 19.10 4.46
CA ALA A 29 -21.45 19.82 4.24
C ALA A 29 -20.44 19.47 5.33
N GLU A 30 -20.88 19.30 6.58
CA GLU A 30 -20.00 18.88 7.67
C GLU A 30 -19.41 17.49 7.38
N ASN A 31 -20.25 16.58 6.95
CA ASN A 31 -19.80 15.22 6.72
C ASN A 31 -18.80 15.21 5.58
N LYS A 32 -19.07 15.99 4.56
CA LYS A 32 -18.14 16.03 3.43
C LYS A 32 -16.73 16.34 3.89
N LYS A 33 -16.61 17.42 4.66
CA LYS A 33 -15.32 17.81 5.17
C LYS A 33 -14.70 16.76 6.12
N ASP A 34 -15.49 16.13 6.99
CA ASP A 34 -14.92 15.18 7.92
C ASP A 34 -14.34 13.94 7.25
N ALA A 35 -15.09 13.40 6.28
CA ALA A 35 -14.59 12.32 5.39
C ALA A 35 -13.27 12.71 4.72
N GLN A 36 -13.23 13.95 4.24
CA GLN A 36 -12.04 14.53 3.54
C GLN A 36 -10.84 14.57 4.48
N ILE A 37 -11.09 15.06 5.69
CA ILE A 37 -10.06 15.06 6.73
C ILE A 37 -9.47 13.65 6.91
N ALA A 38 -10.35 12.68 7.12
CA ALA A 38 -9.97 11.29 7.31
C ALA A 38 -9.17 10.76 6.14
N LYS A 39 -9.68 11.03 4.93
CA LYS A 39 -9.04 10.51 3.76
C LYS A 39 -7.62 11.08 3.66
N ALA A 40 -7.48 12.36 3.98
CA ALA A 40 -6.17 13.03 3.88
C ALA A 40 -5.18 12.51 4.91
N GLN A 41 -5.64 12.31 6.13
CA GLN A 41 -4.77 11.73 7.15
C GLN A 41 -4.32 10.31 6.78
N ALA A 42 -5.26 9.54 6.24
CA ALA A 42 -5.00 8.15 5.87
C ALA A 42 -3.97 8.06 4.71
N ASN A 43 -4.06 8.98 3.76
CA ASN A 43 -3.04 9.14 2.73
CA ASN A 43 -3.03 9.12 2.74
C ASN A 43 -1.66 9.54 3.29
N GLU A 44 -1.62 10.48 4.23
CA GLU A 44 -0.32 10.83 4.87
C GLU A 44 0.24 9.61 5.63
N ASN A 45 -0.64 8.94 6.37
CA ASN A 45 -0.28 7.76 7.11
C ASN A 45 0.25 6.67 6.19
N LYS A 46 -0.45 6.43 5.07
CA LYS A 46 0.03 5.49 4.09
C LYS A 46 1.48 5.78 3.69
N ASP A 47 1.81 7.06 3.48
CA ASP A 47 3.20 7.43 3.14
C ASP A 47 4.19 7.16 4.31
N GLY A 48 3.82 7.47 5.55
CA GLY A 48 4.72 7.23 6.69
C GLY A 48 5.01 5.75 6.89
N ILE A 49 4.01 4.91 6.65
CA ILE A 49 4.17 3.45 6.77
C ILE A 49 5.16 2.92 5.72
N ALA A 50 5.02 3.40 4.47
CA ALA A 50 5.93 2.99 3.41
C ALA A 50 7.38 3.41 3.69
N LYS A 51 7.54 4.60 4.25
CA LYS A 51 8.87 5.04 4.65
C LYS A 51 9.46 4.20 5.79
N ASN A 52 8.68 3.95 6.83
CA ASN A 52 9.16 3.10 7.91
C ASN A 52 9.53 1.71 7.36
N GLN A 53 8.67 1.18 6.49
CA GLN A 53 8.93 -0.14 5.86
C GLN A 53 10.26 -0.10 5.13
N ALA A 54 10.50 0.96 4.37
CA ALA A 54 11.76 1.12 3.63
C ALA A 54 12.98 1.10 4.56
N ASP A 55 12.88 1.84 5.66
CA ASP A 55 13.92 1.93 6.68
C ASP A 55 14.21 0.59 7.34
N ILE A 56 13.14 -0.14 7.64
CA ILE A 56 13.23 -1.48 8.23
C ILE A 56 13.93 -2.41 7.28
N GLN A 57 13.61 -2.30 5.99
CA GLN A 57 14.29 -3.16 4.98
C GLN A 57 15.82 -2.94 4.99
N LEU A 58 16.24 -1.68 5.02
CA LEU A 58 17.67 -1.34 5.08
C LEU A 58 18.28 -1.85 6.37
N HIS A 59 17.56 -1.64 7.48
CA HIS A 59 17.98 -2.24 8.78
C HIS A 59 18.15 -3.75 8.70
N ASP A 60 17.22 -4.43 8.02
CA ASP A 60 17.33 -5.88 7.90
C ASP A 60 18.62 -6.32 7.23
N LYS A 61 18.98 -5.67 6.12
CA LYS A 61 20.24 -5.95 5.45
C LYS A 61 21.46 -5.66 6.33
N LYS A 62 21.40 -4.57 7.10
CA LYS A 62 22.52 -4.18 7.97
C LYS A 62 22.75 -5.15 9.09
N ILE A 63 21.65 -5.55 9.70
CA ILE A 63 21.67 -6.50 10.79
C ILE A 63 22.14 -7.88 10.30
N THR A 64 21.68 -8.29 9.13
CA THR A 64 22.17 -9.56 8.56
C THR A 64 23.68 -9.48 8.25
N ASN A 65 24.10 -8.36 7.70
CA ASN A 65 25.53 -8.16 7.43
C ASN A 65 26.38 -8.18 8.72
N LEU A 66 25.89 -7.56 9.79
CA LEU A 66 26.59 -7.59 11.08
C LEU A 66 26.68 -9.03 11.64
N GLY A 67 25.64 -9.81 11.46
CA GLY A 67 25.69 -11.26 11.81
C GLY A 67 26.83 -12.00 11.13
N ILE A 68 26.94 -11.78 9.83
CA ILE A 68 27.95 -12.42 9.03
C ILE A 68 29.34 -11.97 9.47
N LEU A 69 29.53 -10.66 9.62
CA LEU A 69 30.81 -10.10 10.07
C LEU A 69 31.17 -10.66 11.47
N HIS A 70 30.20 -10.72 12.38
CA HIS A 70 30.48 -11.31 13.70
C HIS A 70 31.01 -12.75 13.53
N SER A 71 30.32 -13.55 12.71
CA SER A 71 30.74 -14.95 12.55
C SER A 71 32.16 -15.01 12.02
N MET A 72 32.46 -14.16 11.05
CA MET A 72 33.81 -14.09 10.51
C MET A 72 34.85 -13.78 11.57
N VAL A 73 34.66 -12.71 12.35
CA VAL A 73 35.61 -12.33 13.40
CA VAL A 73 35.66 -12.38 13.36
C VAL A 73 35.74 -13.46 14.43
N ALA A 74 34.59 -14.00 14.89
CA ALA A 74 34.57 -15.10 15.88
C ALA A 74 35.54 -16.24 15.50
N ARG A 75 35.53 -16.60 14.21
CA ARG A 75 36.37 -17.69 13.67
C ARG A 75 37.84 -17.33 13.69
N ALA A 76 38.15 -16.09 13.33
CA ALA A 76 39.50 -15.58 13.39
C ALA A 76 39.99 -15.55 14.83
N VAL A 77 39.16 -15.04 15.73
CA VAL A 77 39.49 -14.96 17.17
C VAL A 77 39.77 -16.37 17.73
N GLY A 78 38.93 -17.34 17.35
CA GLY A 78 39.11 -18.75 17.71
C GLY A 78 40.50 -19.25 17.35
N ASN A 79 40.94 -18.91 16.14
CA ASN A 79 42.23 -19.37 15.65
C ASN A 79 43.36 -18.69 16.45
N ASN A 80 43.18 -17.40 16.72
CA ASN A 80 44.15 -16.66 17.51
C ASN A 80 44.24 -17.19 18.94
N THR A 81 43.10 -17.48 19.55
CA THR A 81 43.14 -17.99 20.93
C THR A 81 43.96 -19.29 20.98
N GLN A 82 43.69 -20.19 20.04
CA GLN A 82 44.47 -21.42 19.87
C GLN A 82 45.96 -21.14 19.65
N GLY A 83 46.27 -20.13 18.84
CA GLY A 83 47.65 -19.83 18.45
C GLY A 83 48.41 -19.28 19.64
N VAL A 84 47.75 -18.43 20.42
CA VAL A 84 48.33 -17.91 21.64
C VAL A 84 48.70 -19.08 22.58
N ALA A 85 47.76 -20.01 22.82
CA ALA A 85 47.95 -21.10 23.78
C ALA A 85 49.08 -22.02 23.30
N THR A 86 49.06 -22.35 22.02
CA THR A 86 50.11 -23.13 21.41
C THR A 86 51.50 -22.47 21.54
N ASN A 87 51.57 -21.19 21.19
CA ASN A 87 52.82 -20.44 21.30
C ASN A 87 53.33 -20.41 22.75
N LYS A 88 52.39 -20.26 23.68
CA LYS A 88 52.69 -20.20 25.12
C LYS A 88 53.35 -21.50 25.62
N ALA A 89 52.77 -22.62 25.23
CA ALA A 89 53.34 -23.95 25.55
C ALA A 89 54.73 -24.18 24.94
N ASP A 90 54.90 -23.79 23.67
CA ASP A 90 56.17 -23.91 22.94
C ASP A 90 57.29 -23.05 23.54
N ILE A 91 56.97 -21.82 23.92
CA ILE A 91 57.86 -20.92 24.65
C ILE A 91 58.31 -21.53 25.98
N ALA A 92 57.35 -22.11 26.70
CA ALA A 92 57.62 -22.75 27.96
C ALA A 92 58.61 -23.89 27.84
N LYS A 93 58.45 -24.71 26.79
CA LYS A 93 59.37 -25.80 26.44
C LYS A 93 60.76 -25.25 26.13
N ASN A 94 60.79 -24.23 25.27
CA ASN A 94 62.03 -23.52 24.98
C ASN A 94 62.75 -23.02 26.23
N GLN A 95 62.00 -22.36 27.09
CA GLN A 95 62.56 -21.82 28.33
C GLN A 95 63.14 -22.95 29.23
N ALA A 96 62.44 -24.08 29.32
CA ALA A 96 62.95 -25.17 30.14
C ALA A 96 64.25 -25.75 29.56
N ASP A 97 64.29 -25.83 28.24
CA ASP A 97 65.47 -26.36 27.55
C ASP A 97 66.64 -25.42 27.70
N ILE A 98 66.37 -24.14 27.53
CA ILE A 98 67.42 -23.15 27.72
C ILE A 98 67.98 -23.24 29.15
N ALA A 99 67.10 -23.37 30.13
CA ALA A 99 67.55 -23.51 31.53
C ALA A 99 68.45 -24.75 31.74
N ASN A 100 68.09 -25.86 31.10
CA ASN A 100 68.92 -27.08 31.09
C ASN A 100 70.30 -26.90 30.46
N ASN A 101 70.33 -26.22 29.31
CA ASN A 101 71.58 -25.87 28.60
C ASN A 101 72.45 -24.95 29.43
N ILE A 102 71.86 -23.95 30.07
CA ILE A 102 72.64 -23.14 31.04
C ILE A 102 73.39 -23.99 32.12
N LYS A 103 72.66 -24.94 32.74
CA LYS A 103 73.29 -25.87 33.71
C LYS A 103 74.43 -26.64 33.09
N ASN A 104 74.18 -27.18 31.91
CA ASN A 104 75.16 -28.04 31.24
C ASN A 104 76.42 -27.26 30.80
N ILE A 105 76.22 -26.02 30.37
CA ILE A 105 77.35 -25.16 30.03
C ILE A 105 78.12 -24.83 31.35
N TYR A 106 77.40 -24.59 32.42
CA TYR A 106 78.06 -24.29 33.69
C TYR A 106 78.97 -25.45 34.14
N GLU A 107 78.43 -26.66 34.07
CA GLU A 107 79.17 -27.85 34.41
C GLU A 107 80.41 -28.06 33.51
N LEU A 108 80.22 -27.85 32.22
CA LEU A 108 81.33 -27.92 31.27
C LEU A 108 82.44 -26.91 31.63
N ALA A 109 82.07 -25.68 31.92
CA ALA A 109 83.04 -24.67 32.40
C ALA A 109 83.80 -25.17 33.65
N GLN A 110 83.08 -25.77 34.60
CA GLN A 110 83.70 -26.30 35.83
C GLN A 110 84.75 -27.36 35.50
N GLN A 111 84.37 -28.24 34.59
CA GLN A 111 85.27 -29.35 34.19
C GLN A 111 86.45 -28.80 33.38
N GLN A 112 86.18 -27.86 32.49
CA GLN A 112 87.26 -27.16 31.77
C GLN A 112 88.30 -26.50 32.73
N ASP A 113 87.82 -25.72 33.69
CA ASP A 113 88.67 -25.15 34.74
C ASP A 113 89.49 -26.24 35.45
N GLN A 114 88.85 -27.36 35.82
CA GLN A 114 89.60 -28.48 36.41
C GLN A 114 90.72 -29.01 35.51
N HIS A 115 90.42 -29.20 34.23
CA HIS A 115 91.41 -29.68 33.28
C HIS A 115 92.57 -28.71 33.14
N SER A 116 92.27 -27.42 33.11
CA SER A 116 93.30 -26.37 33.08
C SER A 116 94.25 -26.55 34.26
N SER A 117 93.68 -26.79 35.43
CA SER A 117 94.49 -27.08 36.63
C SER A 117 95.29 -28.35 36.51
N ASP A 118 94.67 -29.38 35.94
CA ASP A 118 95.30 -30.68 35.81
C ASP A 118 96.51 -30.63 34.88
N ILE A 119 96.33 -30.00 33.73
CA ILE A 119 97.34 -29.81 32.71
C ILE A 119 98.55 -29.02 33.24
N LYS A 120 98.28 -27.92 33.95
CA LYS A 120 99.36 -27.14 34.57
C LYS A 120 100.19 -27.93 35.60
N THR A 121 99.52 -28.67 36.46
CA THR A 121 100.23 -29.52 37.38
C THR A 121 101.14 -30.45 36.61
N LEU A 122 100.60 -31.06 35.55
CA LEU A 122 101.34 -32.07 34.77
C LEU A 122 102.53 -31.45 34.03
N ALA A 123 102.29 -30.26 33.46
CA ALA A 123 103.32 -29.50 32.78
C ALA A 123 104.48 -29.22 33.73
N LYS A 124 104.18 -28.86 34.98
CA LYS A 124 105.24 -28.65 35.99
C LYS A 124 106.02 -29.93 36.29
N VAL A 125 105.31 -31.06 36.43
CA VAL A 125 105.98 -32.35 36.71
C VAL A 125 106.93 -32.80 35.60
N SER A 126 106.43 -32.78 34.36
CA SER A 126 107.22 -33.29 33.26
C SER A 126 108.45 -32.37 32.99
N ALA A 127 108.30 -31.09 33.28
CA ALA A 127 109.42 -30.12 33.19
C ALA A 127 110.46 -30.37 34.28
N ALA A 128 110.00 -30.72 35.47
CA ALA A 128 110.91 -31.10 36.52
C ALA A 128 111.61 -32.39 36.13
N ASN A 129 110.90 -33.35 35.52
CA ASN A 129 111.52 -34.61 35.09
C ASN A 129 112.56 -34.40 34.02
N THR A 130 112.23 -33.57 33.03
CA THR A 130 113.17 -33.21 31.99
C THR A 130 114.44 -32.63 32.61
N ASP A 131 114.27 -31.65 33.50
CA ASP A 131 115.40 -31.06 34.23
C ASP A 131 116.24 -32.12 34.97
N ARG A 132 115.60 -32.93 35.80
CA ARG A 132 116.32 -33.90 36.60
C ARG A 132 117.07 -34.95 35.76
N ILE A 133 116.44 -35.40 34.68
CA ILE A 133 117.06 -36.37 33.75
C ILE A 133 118.41 -35.80 33.27
N ALA A 134 118.40 -34.54 32.88
CA ALA A 134 119.59 -33.91 32.31
C ALA A 134 120.66 -33.67 33.39
N LYS A 135 120.22 -33.25 34.56
CA LYS A 135 121.10 -33.03 35.71
C LYS A 135 121.75 -34.35 36.08
N ASN A 136 120.93 -35.39 36.25
CA ASN A 136 121.47 -36.73 36.62
C ASN A 136 122.44 -37.26 35.58
N LYS A 137 122.13 -37.08 34.30
CA LYS A 137 123.05 -37.48 33.22
C LYS A 137 124.42 -36.78 33.38
N ALA A 138 124.41 -35.46 33.63
CA ALA A 138 125.70 -34.75 33.76
C ALA A 138 126.48 -35.24 34.97
N GLU A 139 125.80 -35.41 36.11
CA GLU A 139 126.46 -35.97 37.29
C GLU A 139 127.04 -37.36 37.02
N ALA A 140 126.30 -38.23 36.35
CA ALA A 140 126.85 -39.56 35.99
C ALA A 140 128.08 -39.48 35.06
N ASP A 141 127.96 -38.69 33.99
CA ASP A 141 129.07 -38.50 33.08
C ASP A 141 130.34 -37.96 33.79
N ALA A 142 130.19 -36.89 34.57
CA ALA A 142 131.31 -36.37 35.34
C ALA A 142 131.94 -37.45 36.26
N SER A 143 131.10 -38.26 36.90
CA SER A 143 131.63 -39.32 37.80
C SER A 143 132.31 -40.46 37.06
N PHE A 144 131.75 -40.88 35.92
CA PHE A 144 132.45 -41.83 35.06
C PHE A 144 133.77 -41.27 34.58
N GLU A 145 133.81 -39.97 34.28
CA GLU A 145 135.08 -39.36 33.81
C GLU A 145 136.21 -39.49 34.85
N THR A 146 135.89 -39.26 36.12
CA THR A 146 136.91 -39.34 37.17
CA THR A 146 136.90 -39.35 37.18
C THR A 146 137.46 -40.77 37.30
N LEU A 147 136.56 -41.75 37.33
CA LEU A 147 136.90 -43.16 37.49
C LEU A 147 137.67 -43.68 36.30
N THR A 148 137.21 -43.32 35.10
CA THR A 148 137.96 -43.65 33.91
C THR A 148 139.40 -43.11 33.99
N LYS A 149 139.55 -41.81 34.28
CA LYS A 149 140.89 -41.21 34.41
C LYS A 149 141.73 -41.85 35.52
N ASN A 150 141.08 -42.35 36.57
CA ASN A 150 141.77 -42.99 37.68
C ASN A 150 142.27 -44.40 37.34
N GLN A 151 141.46 -45.13 36.58
CA GLN A 151 141.84 -46.48 36.10
C GLN A 151 143.07 -46.47 35.18
N LYS A 152 143.08 -45.53 34.22
CA LYS A 152 144.26 -45.31 33.36
C LYS A 152 145.42 -44.66 34.12
N ASN B 17 37.99 -22.12 3.78
CA ASN B 17 37.96 -21.25 2.58
C ASN B 17 37.22 -21.91 1.42
N THR B 18 37.60 -23.14 1.08
CA THR B 18 36.85 -23.90 0.08
C THR B 18 35.42 -24.23 0.54
N ASP B 19 35.24 -24.31 1.86
CA ASP B 19 33.93 -24.58 2.47
C ASP B 19 32.99 -23.41 2.22
N ARG B 20 33.54 -22.22 2.45
CA ARG B 20 32.80 -20.99 2.25
C ARG B 20 32.42 -20.80 0.78
N ILE B 21 33.34 -21.13 -0.13
CA ILE B 21 33.05 -20.92 -1.56
C ILE B 21 31.89 -21.77 -2.07
N ALA B 22 31.87 -23.05 -1.69
CA ALA B 22 30.82 -23.96 -2.12
C ALA B 22 29.42 -23.52 -1.64
N THR B 23 29.32 -23.18 -0.36
CA THR B 23 28.10 -22.61 0.19
C THR B 23 27.64 -21.39 -0.64
N ALA B 24 28.60 -20.52 -0.93
CA ALA B 24 28.36 -19.31 -1.68
C ALA B 24 27.70 -19.64 -3.03
N GLU B 25 28.22 -20.65 -3.74
CA GLU B 25 27.74 -20.99 -5.09
C GLU B 25 26.26 -21.38 -5.07
N LEU B 26 25.85 -22.10 -4.03
CA LEU B 26 24.45 -22.47 -3.91
C LEU B 26 23.62 -21.23 -3.58
N GLY B 27 24.15 -20.34 -2.74
CA GLY B 27 23.42 -19.08 -2.44
C GLY B 27 23.17 -18.29 -3.71
N ILE B 28 24.18 -18.23 -4.57
CA ILE B 28 24.11 -17.41 -5.80
C ILE B 28 23.06 -18.00 -6.77
N ALA B 29 23.03 -19.32 -6.87
CA ALA B 29 22.01 -19.98 -7.68
C ALA B 29 20.60 -19.72 -7.13
N GLU B 30 20.43 -19.79 -5.80
CA GLU B 30 19.11 -19.56 -5.24
C GLU B 30 18.64 -18.11 -5.48
N ASN B 31 19.54 -17.15 -5.27
CA ASN B 31 19.26 -15.72 -5.49
C ASN B 31 18.88 -15.42 -6.97
N LYS B 32 19.53 -16.13 -7.89
CA LYS B 32 19.26 -15.86 -9.32
C LYS B 32 17.84 -16.26 -9.59
N LYS B 33 17.48 -17.42 -9.07
CA LYS B 33 16.13 -17.92 -9.25
C LYS B 33 15.06 -17.04 -8.59
N ASP B 34 15.34 -16.60 -7.37
CA ASP B 34 14.39 -15.78 -6.63
C ASP B 34 14.16 -14.44 -7.31
N ALA B 35 15.24 -13.85 -7.83
CA ALA B 35 15.13 -12.63 -8.64
C ALA B 35 14.29 -12.85 -9.89
N GLN B 36 14.54 -13.97 -10.57
CA GLN B 36 13.81 -14.38 -11.80
CA GLN B 36 13.80 -14.33 -11.79
C GLN B 36 12.31 -14.45 -11.52
N ILE B 37 11.96 -15.12 -10.44
CA ILE B 37 10.56 -15.27 -9.97
C ILE B 37 9.92 -13.89 -9.72
N ALA B 38 10.62 -12.97 -9.07
CA ALA B 38 10.06 -11.66 -8.80
C ALA B 38 9.87 -10.83 -10.06
N LYS B 39 10.87 -10.82 -10.94
CA LYS B 39 10.80 -10.18 -12.25
C LYS B 39 9.67 -10.74 -13.09
N ALA B 40 9.51 -12.07 -13.06
CA ALA B 40 8.42 -12.73 -13.77
C ALA B 40 7.02 -12.32 -13.27
N GLN B 41 6.88 -12.25 -11.95
CA GLN B 41 5.60 -11.84 -11.37
C GLN B 41 5.36 -10.39 -11.68
N ALA B 42 6.40 -9.57 -11.63
CA ALA B 42 6.26 -8.12 -11.88
C ALA B 42 5.81 -7.88 -13.33
N ASN B 43 6.26 -8.76 -14.22
CA ASN B 43 5.86 -8.68 -15.62
CA ASN B 43 5.86 -8.73 -15.64
C ASN B 43 4.39 -9.09 -15.83
N GLU B 44 3.98 -10.20 -15.22
CA GLU B 44 2.54 -10.56 -15.23
C GLU B 44 1.69 -9.44 -14.63
N ASN B 45 2.08 -8.93 -13.47
CA ASN B 45 1.38 -7.80 -12.84
C ASN B 45 1.26 -6.57 -13.73
N LYS B 46 2.37 -6.19 -14.37
CA LYS B 46 2.36 -5.08 -15.33
C LYS B 46 1.27 -5.26 -16.41
N ASP B 47 1.17 -6.48 -16.95
CA ASP B 47 0.15 -6.80 -17.94
C ASP B 47 -1.25 -6.69 -17.38
N GLY B 48 -1.41 -7.14 -16.14
CA GLY B 48 -2.69 -7.07 -15.43
C GLY B 48 -3.13 -5.62 -15.17
N ILE B 49 -2.17 -4.78 -14.78
CA ILE B 49 -2.44 -3.36 -14.52
C ILE B 49 -2.90 -2.63 -15.81
N ALA B 50 -2.22 -2.89 -16.91
CA ALA B 50 -2.60 -2.41 -18.26
C ALA B 50 -4.02 -2.83 -18.70
N LYS B 51 -4.36 -4.10 -18.42
CA LYS B 51 -5.71 -4.60 -18.70
C LYS B 51 -6.72 -3.87 -17.84
N ASN B 52 -6.45 -3.76 -16.53
CA ASN B 52 -7.41 -3.00 -15.69
C ASN B 52 -7.57 -1.57 -16.12
N GLN B 53 -6.48 -0.95 -16.53
CA GLN B 53 -6.51 0.43 -17.00
C GLN B 53 -7.35 0.60 -18.27
N ALA B 54 -7.21 -0.36 -19.18
CA ALA B 54 -8.03 -0.34 -20.41
C ALA B 54 -9.53 -0.46 -20.07
N ASP B 55 -9.84 -1.43 -19.22
CA ASP B 55 -11.21 -1.61 -18.76
C ASP B 55 -11.76 -0.37 -18.11
N ILE B 56 -10.94 0.30 -17.31
CA ILE B 56 -11.37 1.53 -16.63
C ILE B 56 -11.63 2.62 -17.66
N GLN B 57 -10.76 2.74 -18.67
CA GLN B 57 -10.98 3.77 -19.73
C GLN B 57 -12.31 3.56 -20.48
N LEU B 58 -12.59 2.30 -20.86
CA LEU B 58 -13.89 1.97 -21.44
C LEU B 58 -15.06 2.35 -20.50
N HIS B 59 -14.92 2.03 -19.21
CA HIS B 59 -16.00 2.35 -18.26
C HIS B 59 -16.18 3.84 -18.17
N ASP B 60 -15.08 4.58 -18.24
CA ASP B 60 -15.14 6.05 -18.16
C ASP B 60 -15.98 6.61 -19.27
N LYS B 61 -15.75 6.11 -20.49
CA LYS B 61 -16.61 6.48 -21.60
C LYS B 61 -18.09 6.12 -21.42
N LYS B 62 -18.36 4.94 -20.87
CA LYS B 62 -19.73 4.45 -20.73
C LYS B 62 -20.43 5.30 -19.68
N ILE B 63 -19.69 5.59 -18.60
CA ILE B 63 -20.21 6.44 -17.53
C ILE B 63 -20.55 7.84 -18.01
N THR B 64 -19.63 8.49 -18.71
CA THR B 64 -19.90 9.80 -19.31
C THR B 64 -21.09 9.77 -20.25
N ASN B 65 -21.21 8.72 -21.07
CA ASN B 65 -22.32 8.55 -21.97
C ASN B 65 -23.68 8.49 -21.22
N LEU B 66 -23.74 7.66 -20.20
CA LEU B 66 -24.94 7.55 -19.34
C LEU B 66 -25.35 8.91 -18.75
N GLY B 67 -24.37 9.70 -18.33
CA GLY B 67 -24.66 11.09 -17.87
C GLY B 67 -25.33 11.95 -18.94
N ILE B 68 -24.80 11.90 -20.16
CA ILE B 68 -25.36 12.68 -21.29
C ILE B 68 -26.77 12.16 -21.65
N LEU B 69 -26.92 10.84 -21.66
CA LEU B 69 -28.23 10.20 -21.89
C LEU B 69 -29.22 10.60 -20.79
N HIS B 70 -28.77 10.61 -19.53
CA HIS B 70 -29.61 11.10 -18.44
C HIS B 70 -30.13 12.55 -18.71
N SER B 71 -29.22 13.44 -19.06
CA SER B 71 -29.54 14.86 -19.38
C SER B 71 -30.53 14.95 -20.56
N MET B 72 -30.38 14.07 -21.52
CA MET B 72 -31.32 14.04 -22.64
C MET B 72 -32.73 13.63 -22.22
N VAL B 73 -32.80 12.59 -21.40
CA VAL B 73 -34.10 12.12 -20.88
C VAL B 73 -34.75 13.22 -20.02
N ALA B 74 -33.97 13.78 -19.11
CA ALA B 74 -34.46 14.88 -18.29
C ALA B 74 -35.14 15.99 -19.12
N ARG B 75 -34.52 16.34 -20.27
CA ARG B 75 -35.07 17.37 -21.16
C ARG B 75 -36.43 16.94 -21.68
N ALA B 76 -36.50 15.69 -22.13
CA ALA B 76 -37.71 15.13 -22.68
C ALA B 76 -38.82 15.06 -21.63
N VAL B 77 -38.44 14.66 -20.42
CA VAL B 77 -39.39 14.59 -19.30
C VAL B 77 -39.90 15.98 -18.94
N GLY B 78 -38.99 16.96 -18.90
CA GLY B 78 -39.40 18.34 -18.71
C GLY B 78 -40.41 18.82 -19.74
N ASN B 79 -40.20 18.50 -21.01
CA ASN B 79 -41.15 18.87 -22.03
C ASN B 79 -42.52 18.21 -21.78
N ASN B 80 -42.52 16.95 -21.34
CA ASN B 80 -43.75 16.23 -21.00
C ASN B 80 -44.50 16.78 -19.78
N THR B 81 -43.75 17.12 -18.73
CA THR B 81 -44.34 17.80 -17.58
C THR B 81 -45.04 19.10 -18.02
N GLN B 82 -44.37 19.94 -18.81
CA GLN B 82 -45.02 21.17 -19.35
C GLN B 82 -46.26 20.86 -20.22
N GLY B 83 -46.17 19.81 -21.03
CA GLY B 83 -47.28 19.42 -21.90
C GLY B 83 -48.49 18.98 -21.10
N VAL B 84 -48.23 18.27 -20.00
CA VAL B 84 -49.30 17.76 -19.16
C VAL B 84 -50.01 18.95 -18.50
N ALA B 85 -49.21 19.91 -18.02
CA ALA B 85 -49.76 21.13 -17.40
C ALA B 85 -50.54 21.98 -18.38
N THR B 86 -50.02 22.22 -19.57
CA THR B 86 -50.75 22.94 -20.61
C THR B 86 -52.09 22.24 -20.92
N ASN B 87 -52.05 20.93 -21.14
CA ASN B 87 -53.28 20.13 -21.36
C ASN B 87 -54.26 20.24 -20.22
N LYS B 88 -53.75 20.17 -18.99
CA LYS B 88 -54.57 20.37 -17.79
C LYS B 88 -55.27 21.75 -17.82
N ALA B 89 -54.52 22.81 -18.08
CA ALA B 89 -55.11 24.15 -18.22
C ALA B 89 -56.19 24.22 -19.32
N ASP B 90 -55.92 23.57 -20.45
CA ASP B 90 -56.83 23.67 -21.56
C ASP B 90 -58.11 22.89 -21.32
N ILE B 91 -57.97 21.76 -20.60
CA ILE B 91 -59.11 20.93 -20.20
C ILE B 91 -60.05 21.76 -19.29
N ALA B 92 -59.45 22.50 -18.37
CA ALA B 92 -60.22 23.30 -17.42
C ALA B 92 -60.91 24.48 -18.12
N LYS B 93 -60.24 25.06 -19.10
CA LYS B 93 -60.89 26.07 -19.92
C LYS B 93 -62.07 25.51 -20.68
N ASN B 94 -61.89 24.35 -21.30
CA ASN B 94 -63.02 23.68 -21.97
C ASN B 94 -64.15 23.40 -20.98
N GLN B 95 -63.82 22.88 -19.81
CA GLN B 95 -64.83 22.57 -18.81
C GLN B 95 -65.65 23.83 -18.43
N ALA B 96 -64.96 24.96 -18.30
CA ALA B 96 -65.66 26.23 -18.04
C ALA B 96 -66.60 26.61 -19.22
N ASP B 97 -66.10 26.48 -20.45
CA ASP B 97 -66.93 26.80 -21.64
C ASP B 97 -68.13 25.86 -21.71
N ILE B 98 -67.89 24.57 -21.45
CA ILE B 98 -69.02 23.62 -21.32
C ILE B 98 -70.09 24.06 -20.29
N ALA B 99 -69.60 24.42 -19.12
CA ALA B 99 -70.46 24.79 -17.99
C ALA B 99 -71.30 26.01 -18.38
N ASN B 100 -70.69 26.94 -19.11
CA ASN B 100 -71.43 28.11 -19.59
C ASN B 100 -72.52 27.76 -20.60
N ASN B 101 -72.18 26.86 -21.52
CA ASN B 101 -73.14 26.31 -22.47
C ASN B 101 -74.32 25.58 -21.76
N ILE B 102 -74.01 24.80 -20.73
CA ILE B 102 -75.06 24.15 -19.93
C ILE B 102 -76.03 25.21 -19.39
N LYS B 103 -75.48 26.23 -18.76
CA LYS B 103 -76.33 27.30 -18.24
C LYS B 103 -77.19 27.95 -19.34
N ASN B 104 -76.61 28.25 -20.50
CA ASN B 104 -77.36 28.92 -21.55
C ASN B 104 -78.43 27.99 -22.13
N ILE B 105 -78.10 26.69 -22.22
CA ILE B 105 -79.05 25.70 -22.69
C ILE B 105 -80.25 25.61 -21.72
N TYR B 106 -79.96 25.54 -20.43
CA TYR B 106 -81.00 25.44 -19.41
C TYR B 106 -81.97 26.63 -19.53
N GLU B 107 -81.39 27.82 -19.72
CA GLU B 107 -82.19 29.05 -19.87
C GLU B 107 -83.05 29.02 -21.12
N LEU B 108 -82.45 28.62 -22.24
CA LEU B 108 -83.20 28.49 -23.50
C LEU B 108 -84.36 27.50 -23.37
N ALA B 109 -84.10 26.36 -22.75
CA ALA B 109 -85.15 25.39 -22.44
C ALA B 109 -86.34 26.01 -21.66
N GLN B 110 -86.05 26.79 -20.61
CA GLN B 110 -87.12 27.42 -19.84
C GLN B 110 -87.91 28.44 -20.70
N GLN B 111 -87.22 29.19 -21.53
CA GLN B 111 -87.94 30.11 -22.42
C GLN B 111 -88.74 29.37 -23.51
N GLN B 112 -88.24 28.21 -23.92
CA GLN B 112 -89.00 27.33 -24.81
C GLN B 112 -90.32 26.90 -24.15
N ASP B 113 -90.26 26.49 -22.88
CA ASP B 113 -91.43 26.13 -22.09
C ASP B 113 -92.41 27.31 -22.02
N GLN B 114 -91.89 28.49 -21.67
CA GLN B 114 -92.71 29.70 -21.65
C GLN B 114 -93.42 29.88 -22.99
N HIS B 115 -92.62 29.84 -24.04
CA HIS B 115 -93.18 29.99 -25.38
C HIS B 115 -94.23 28.93 -25.73
N SER B 116 -94.00 27.68 -25.33
CA SER B 116 -95.03 26.67 -25.56
C SER B 116 -96.34 27.04 -24.90
N SER B 117 -96.28 27.47 -23.65
CA SER B 117 -97.45 27.92 -22.92
C SER B 117 -98.09 29.18 -23.54
N ASP B 118 -97.27 30.17 -23.95
CA ASP B 118 -97.76 31.37 -24.63
C ASP B 118 -98.62 31.03 -25.88
N ILE B 119 -98.16 30.06 -26.65
CA ILE B 119 -98.82 29.60 -27.86
C ILE B 119 -100.22 29.01 -27.51
N LYS B 120 -100.28 28.22 -26.44
CA LYS B 120 -101.59 27.67 -26.00
C LYS B 120 -102.54 28.79 -25.60
N THR B 121 -102.04 29.77 -24.85
CA THR B 121 -102.78 30.97 -24.46
C THR B 121 -103.26 31.83 -25.63
N LEU B 122 -102.38 32.15 -26.56
CA LEU B 122 -102.77 32.89 -27.75
C LEU B 122 -103.91 32.16 -28.50
N ALA B 123 -103.78 30.84 -28.63
CA ALA B 123 -104.80 30.00 -29.25
C ALA B 123 -106.12 30.10 -28.53
N LYS B 124 -106.06 30.09 -27.20
CA LYS B 124 -107.26 30.21 -26.38
C LYS B 124 -107.96 31.55 -26.63
N VAL B 125 -107.18 32.64 -26.75
CA VAL B 125 -107.72 33.99 -26.92
C VAL B 125 -108.46 34.08 -28.27
N SER B 126 -107.77 33.68 -29.33
CA SER B 126 -108.35 33.64 -30.68
C SER B 126 -109.60 32.76 -30.73
N ALA B 127 -109.54 31.61 -30.08
CA ALA B 127 -110.71 30.71 -29.91
C ALA B 127 -111.90 31.40 -29.27
N ALA B 128 -111.66 32.17 -28.21
CA ALA B 128 -112.71 33.00 -27.58
C ALA B 128 -113.28 34.07 -28.54
N ASN B 129 -112.39 34.70 -29.33
CA ASN B 129 -112.82 35.64 -30.36
C ASN B 129 -113.76 34.98 -31.40
N THR B 130 -113.39 33.80 -31.85
CA THR B 130 -114.20 33.07 -32.79
C THR B 130 -115.60 32.82 -32.20
N ASP B 131 -115.64 32.41 -30.94
CA ASP B 131 -116.91 32.13 -30.27
C ASP B 131 -117.77 33.40 -30.19
N ARG B 132 -117.15 34.51 -29.81
CA ARG B 132 -117.83 35.81 -29.76
C ARG B 132 -118.41 36.35 -31.10
N ILE B 133 -117.59 36.26 -32.15
CA ILE B 133 -118.05 36.58 -33.50
C ILE B 133 -119.35 35.75 -33.84
N ALA B 134 -119.28 34.46 -33.59
CA ALA B 134 -120.44 33.59 -33.87
C ALA B 134 -121.63 33.98 -33.01
N LYS B 135 -121.43 34.14 -31.68
CA LYS B 135 -122.51 34.54 -30.77
C LYS B 135 -123.13 35.85 -31.25
N ASN B 136 -122.28 36.80 -31.60
CA ASN B 136 -122.75 38.15 -31.96
C ASN B 136 -123.53 38.10 -33.26
N LYS B 137 -123.03 37.32 -34.23
CA LYS B 137 -123.77 37.09 -35.48
C LYS B 137 -125.12 36.42 -35.22
N ALA B 138 -125.14 35.40 -34.37
CA ALA B 138 -126.39 34.72 -33.99
C ALA B 138 -127.48 35.70 -33.43
N GLU B 139 -127.10 36.54 -32.47
CA GLU B 139 -128.00 37.57 -31.93
C GLU B 139 -128.49 38.57 -32.98
N ALA B 140 -127.58 39.05 -33.83
CA ALA B 140 -127.94 39.99 -34.88
C ALA B 140 -128.92 39.38 -35.89
N ASP B 141 -128.64 38.16 -36.33
CA ASP B 141 -129.60 37.43 -37.17
C ASP B 141 -130.98 37.32 -36.52
N ALA B 142 -131.04 37.01 -35.23
CA ALA B 142 -132.32 36.89 -34.52
C ALA B 142 -133.02 38.22 -34.43
N SER B 143 -132.26 39.28 -34.22
CA SER B 143 -132.82 40.64 -34.15
C SER B 143 -133.37 41.09 -35.51
N PHE B 144 -132.64 40.79 -36.60
CA PHE B 144 -133.13 41.12 -37.93
C PHE B 144 -134.44 40.41 -38.18
N GLU B 145 -134.51 39.16 -37.75
CA GLU B 145 -135.68 38.35 -37.99
C GLU B 145 -136.89 38.93 -37.26
N THR B 146 -136.66 39.36 -36.03
CA THR B 146 -137.72 40.07 -35.27
C THR B 146 -138.20 41.31 -36.02
N LEU B 147 -137.26 42.13 -36.48
CA LEU B 147 -137.64 43.38 -37.14
C LEU B 147 -138.36 43.15 -38.47
N THR B 148 -137.89 42.14 -39.20
CA THR B 148 -138.45 41.78 -40.51
C THR B 148 -139.90 41.33 -40.35
N LYS B 149 -140.12 40.39 -39.44
CA LYS B 149 -141.47 39.97 -39.11
C LYS B 149 -142.35 41.16 -38.71
N ASN B 150 -141.86 42.02 -37.82
CA ASN B 150 -142.65 43.18 -37.39
C ASN B 150 -142.97 44.20 -38.50
N GLN B 151 -142.06 44.32 -39.46
CA GLN B 151 -142.23 45.18 -40.62
C GLN B 151 -143.37 44.75 -41.54
N LYS B 152 -143.41 43.46 -41.89
CA LYS B 152 -144.48 42.91 -42.72
C LYS B 152 -145.85 43.09 -42.06
N LEU B 153 -145.89 42.80 -40.76
CA LEU B 153 -147.12 42.92 -39.99
C LEU B 153 -147.48 44.38 -39.74
#